data_1TZ6
#
_entry.id   1TZ6
#
_cell.length_a   137.007
_cell.length_b   54.101
_cell.length_c   89.895
_cell.angle_alpha   90.00
_cell.angle_beta   90.00
_cell.angle_gamma   90.00
#
_symmetry.space_group_name_H-M   'P 21 21 21'
#
loop_
_entity.id
_entity.type
_entity.pdbx_description
1 polymer 'putative sugar kinase'
2 non-polymer 'MAGNESIUM ION'
3 non-polymer 'POTASSIUM ION'
4 non-polymer 'PHOSPHOMETHYLPHOSPHONIC ACID ADENYLATE ESTER'
5 non-polymer '5-AMINOIMIDAZOLE RIBONUCLEOSIDE'
6 water water
#
_entity_poly.entity_id   1
_entity_poly.type   'polypeptide(L)'
_entity_poly.pdbx_seq_one_letter_code
;MGSSHHHHHHSSGLVPRGSHMKAMNKVWVIGDASVDLVPEKQNSYLKCPGGASANVGVCVARLGGECGFIGCLGDDDAGR
FLRQVFQDNGVDVTFLRLDADLTSAVLIVNLTADGERSFTYLVHPGADTYVSPQDLPPFRQYEWFYFSSIGLTDRPAREA
CLEGARRMREAGGYVLFDVNLRSKMWGNTDEIPELIARSAALASICKVSADELCQLSGASHWQDARYYLRDLGCDTTIIS
LGADGALLITAEGEFHFPAPRVDVVDTTGAGDAFVGGLLFTLSRANCWDHALLAEAISNANACGAMAVTAKGAMTALPFP
DQLNTFLSSHSLAQAMTVK
;
_entity_poly.pdbx_strand_id   A,B
#
# COMPACT_ATOMS: atom_id res chain seq x y z
N ASN A 25 36.97 11.19 2.38
CA ASN A 25 36.12 11.66 1.26
C ASN A 25 34.66 11.30 1.43
N LYS A 26 33.80 12.29 1.19
CA LYS A 26 32.36 12.11 1.36
C LYS A 26 31.76 11.22 0.30
N VAL A 27 30.76 10.45 0.70
CA VAL A 27 30.05 9.56 -0.20
C VAL A 27 28.63 10.03 -0.35
N TRP A 28 28.28 10.46 -1.56
CA TRP A 28 26.92 10.91 -1.83
C TRP A 28 26.08 9.79 -2.38
N VAL A 29 24.89 9.65 -1.84
CA VAL A 29 23.94 8.63 -2.26
C VAL A 29 22.66 9.34 -2.68
N ILE A 30 22.22 9.10 -3.90
CA ILE A 30 20.99 9.74 -4.39
C ILE A 30 19.98 8.68 -4.77
N GLY A 31 18.73 8.86 -4.36
CA GLY A 31 17.75 7.85 -4.71
C GLY A 31 16.52 7.72 -3.85
N ASP A 32 16.07 6.48 -3.71
CA ASP A 32 14.86 6.13 -2.96
C ASP A 32 15.05 5.78 -1.48
N ALA A 33 14.12 6.25 -0.66
CA ALA A 33 14.10 5.95 0.77
C ALA A 33 12.67 5.53 1.00
N SER A 34 12.45 4.32 1.48
CA SER A 34 11.09 3.89 1.67
C SER A 34 10.86 3.10 2.93
N VAL A 35 9.59 2.82 3.20
CA VAL A 35 9.23 2.01 4.35
C VAL A 35 8.96 0.65 3.78
N ASP A 36 9.70 -0.34 4.22
CA ASP A 36 9.47 -1.69 3.75
C ASP A 36 8.61 -2.36 4.81
N LEU A 37 7.48 -2.93 4.38
CA LEU A 37 6.59 -3.62 5.30
C LEU A 37 6.91 -5.11 5.17
N VAL A 38 7.44 -5.70 6.24
CA VAL A 38 7.81 -7.11 6.23
C VAL A 38 6.88 -8.01 7.05
N PRO A 39 6.04 -8.80 6.36
CA PRO A 39 5.09 -9.72 6.98
C PRO A 39 5.64 -10.59 8.10
N GLU A 40 5.18 -10.35 9.32
CA GLU A 40 5.61 -11.13 10.46
C GLU A 40 4.64 -12.30 10.55
N LYS A 41 3.63 -12.15 11.41
CA LYS A 41 2.60 -13.19 11.56
C LYS A 41 1.57 -12.95 10.46
N GLN A 42 0.59 -13.83 10.36
CA GLN A 42 -0.45 -13.69 9.35
C GLN A 42 -1.44 -12.62 9.81
N ASN A 43 -0.90 -11.55 10.42
CA ASN A 43 -1.75 -10.47 10.91
C ASN A 43 -0.94 -9.21 11.24
N SER A 44 0.35 -9.21 10.92
CA SER A 44 1.15 -8.05 11.22
C SER A 44 2.20 -7.79 10.16
N TYR A 45 2.71 -6.57 10.15
CA TYR A 45 3.74 -6.13 9.24
C TYR A 45 4.85 -5.56 10.10
N LEU A 46 6.09 -5.86 9.75
CA LEU A 46 7.20 -5.31 10.48
C LEU A 46 7.55 -4.02 9.73
N LYS A 47 7.68 -2.91 10.45
CA LYS A 47 8.01 -1.62 9.85
C LYS A 47 9.52 -1.36 9.85
N CYS A 48 10.12 -1.32 8.67
CA CYS A 48 11.56 -1.10 8.59
C CYS A 48 11.94 -0.04 7.60
N PRO A 49 12.98 0.77 7.90
CA PRO A 49 13.43 1.81 6.98
C PRO A 49 13.79 1.05 5.71
N GLY A 50 13.40 1.54 4.55
CA GLY A 50 13.73 0.84 3.32
C GLY A 50 14.29 1.72 2.22
N GLY A 51 14.45 1.16 1.03
CA GLY A 51 14.97 1.93 -0.07
C GLY A 51 16.42 1.54 -0.33
N ALA A 52 16.76 1.28 -1.60
CA ALA A 52 18.11 0.87 -1.94
C ALA A 52 19.15 1.94 -1.64
N SER A 53 18.87 3.18 -2.05
CA SER A 53 19.80 4.28 -1.80
C SER A 53 19.89 4.49 -0.30
N ALA A 54 18.76 4.38 0.38
CA ALA A 54 18.71 4.56 1.82
C ALA A 54 19.60 3.55 2.56
N ASN A 55 19.46 2.27 2.21
CA ASN A 55 20.24 1.23 2.85
C ASN A 55 21.72 1.46 2.69
N VAL A 56 22.14 1.67 1.44
CA VAL A 56 23.56 1.90 1.14
C VAL A 56 24.07 3.06 1.98
N GLY A 57 23.27 4.11 2.05
CA GLY A 57 23.66 5.28 2.82
C GLY A 57 23.82 4.97 4.30
N VAL A 58 22.84 4.30 4.89
CA VAL A 58 22.93 3.96 6.30
C VAL A 58 24.10 2.99 6.51
N CYS A 59 24.37 2.15 5.54
CA CYS A 59 25.49 1.22 5.67
C CYS A 59 26.81 2.00 5.78
N VAL A 60 27.10 2.85 4.81
CA VAL A 60 28.35 3.59 4.87
C VAL A 60 28.46 4.40 6.16
N ALA A 61 27.38 5.03 6.57
CA ALA A 61 27.40 5.82 7.79
C ALA A 61 27.73 4.95 9.00
N ARG A 62 27.00 3.86 9.21
CA ARG A 62 27.30 3.00 10.34
C ARG A 62 28.77 2.61 10.44
N LEU A 63 29.42 2.37 9.31
CA LEU A 63 30.83 1.99 9.29
C LEU A 63 31.73 3.15 9.64
N GLY A 64 31.13 4.31 9.90
CA GLY A 64 31.92 5.47 10.28
C GLY A 64 32.29 6.43 9.17
N GLY A 65 31.90 6.13 7.95
CA GLY A 65 32.22 7.01 6.84
C GLY A 65 31.33 8.24 6.76
N GLU A 66 31.74 9.22 5.95
CA GLU A 66 30.96 10.43 5.80
C GLU A 66 30.01 10.26 4.62
N CYS A 67 28.72 10.14 4.92
CA CYS A 67 27.75 9.94 3.85
C CYS A 67 26.54 10.87 3.84
N GLY A 68 26.26 11.45 2.68
CA GLY A 68 25.11 12.32 2.56
C GLY A 68 24.07 11.74 1.62
N PHE A 69 22.80 11.84 1.98
CA PHE A 69 21.69 11.34 1.17
C PHE A 69 21.09 12.50 0.36
N ILE A 70 20.97 12.33 -0.94
CA ILE A 70 20.39 13.37 -1.80
C ILE A 70 19.06 12.84 -2.32
N GLY A 71 17.97 13.41 -1.88
CA GLY A 71 16.69 12.89 -2.34
C GLY A 71 15.47 13.70 -1.99
N CYS A 72 14.32 13.05 -2.19
CA CYS A 72 13.04 13.69 -1.96
C CYS A 72 12.11 12.78 -1.17
N LEU A 73 11.32 13.36 -0.28
CA LEU A 73 10.36 12.63 0.55
C LEU A 73 9.17 13.53 0.90
N GLY A 74 8.08 12.93 1.34
CA GLY A 74 6.90 13.71 1.71
C GLY A 74 6.99 14.18 3.15
N ASP A 75 6.42 15.33 3.45
CA ASP A 75 6.47 15.85 4.82
C ASP A 75 5.58 14.95 5.66
N ASP A 76 5.35 13.74 5.14
CA ASP A 76 4.51 12.74 5.79
C ASP A 76 5.18 11.87 6.86
N ASP A 77 4.40 10.96 7.41
CA ASP A 77 4.85 10.03 8.45
C ASP A 77 6.08 9.23 8.01
N ALA A 78 5.97 8.54 6.88
CA ALA A 78 7.10 7.77 6.38
C ALA A 78 8.28 8.71 6.14
N GLY A 79 7.99 9.94 5.71
CA GLY A 79 9.04 10.90 5.43
C GLY A 79 9.79 11.39 6.66
N ARG A 80 9.04 11.89 7.64
CA ARG A 80 9.67 12.38 8.87
C ARG A 80 10.34 11.23 9.58
N PHE A 81 9.66 10.10 9.58
CA PHE A 81 10.19 8.89 10.21
C PHE A 81 11.53 8.55 9.60
N LEU A 82 11.53 8.41 8.28
CA LEU A 82 12.74 8.08 7.52
C LEU A 82 13.87 9.06 7.75
N ARG A 83 13.53 10.35 7.73
CA ARG A 83 14.53 11.40 7.94
C ARG A 83 15.18 11.11 9.31
N GLN A 84 14.36 10.75 10.28
CA GLN A 84 14.86 10.46 11.62
C GLN A 84 15.83 9.28 11.60
N VAL A 85 15.52 8.23 10.85
CA VAL A 85 16.42 7.09 10.78
C VAL A 85 17.78 7.52 10.24
N PHE A 86 17.79 8.38 9.21
CA PHE A 86 19.07 8.82 8.66
C PHE A 86 19.89 9.55 9.71
N GLN A 87 19.21 10.33 10.52
CA GLN A 87 19.90 11.08 11.58
C GLN A 87 20.39 10.18 12.71
N ASP A 88 19.58 9.20 13.12
CA ASP A 88 19.98 8.29 14.18
C ASP A 88 21.23 7.55 13.73
N ASN A 89 21.36 7.35 12.42
CA ASN A 89 22.48 6.62 11.87
C ASN A 89 23.67 7.42 11.36
N GLY A 90 23.60 8.73 11.47
CA GLY A 90 24.72 9.54 11.03
C GLY A 90 24.78 9.90 9.56
N VAL A 91 23.65 9.80 8.88
CA VAL A 91 23.61 10.15 7.46
C VAL A 91 23.23 11.62 7.34
N ASP A 92 24.06 12.42 6.67
CA ASP A 92 23.76 13.84 6.49
C ASP A 92 22.53 14.00 5.61
N VAL A 93 21.51 14.66 6.14
CA VAL A 93 20.29 14.86 5.39
C VAL A 93 20.11 16.29 4.90
N THR A 94 21.21 17.04 4.78
CA THR A 94 21.12 18.41 4.31
C THR A 94 20.51 18.57 2.91
N PHE A 95 20.61 17.54 2.07
CA PHE A 95 20.06 17.63 0.74
C PHE A 95 18.88 16.70 0.51
N LEU A 96 18.19 16.36 1.59
CA LEU A 96 17.00 15.53 1.52
C LEU A 96 15.86 16.48 1.84
N ARG A 97 15.01 16.76 0.87
CA ARG A 97 13.90 17.67 1.18
C ARG A 97 12.57 16.96 1.29
N LEU A 98 11.78 17.40 2.25
CA LEU A 98 10.46 16.85 2.47
C LEU A 98 9.42 17.82 1.91
N ASP A 99 8.64 17.31 0.95
CA ASP A 99 7.59 18.06 0.25
C ASP A 99 6.23 17.52 0.68
N ALA A 100 5.39 18.40 1.21
CA ALA A 100 4.08 18.02 1.69
C ALA A 100 3.19 17.45 0.59
N ASP A 101 3.32 17.99 -0.62
CA ASP A 101 2.52 17.53 -1.74
C ASP A 101 2.85 16.09 -2.15
N LEU A 102 4.03 15.62 -1.78
CA LEU A 102 4.47 14.29 -2.15
C LEU A 102 4.10 13.18 -1.15
N THR A 103 4.32 11.94 -1.56
CA THR A 103 4.03 10.77 -0.73
C THR A 103 5.26 9.86 -0.69
N SER A 104 5.74 9.59 0.52
CA SER A 104 6.90 8.74 0.68
C SER A 104 6.55 7.32 0.33
N ALA A 105 7.42 6.68 -0.45
CA ALA A 105 7.22 5.30 -0.88
C ALA A 105 7.05 4.28 0.25
N VAL A 106 5.99 3.50 0.16
CA VAL A 106 5.72 2.43 1.14
C VAL A 106 5.55 1.19 0.28
N LEU A 107 6.09 0.05 0.75
CA LEU A 107 5.95 -1.18 -0.01
C LEU A 107 5.88 -2.38 0.89
N ILE A 108 5.55 -3.53 0.33
CA ILE A 108 5.44 -4.75 1.09
C ILE A 108 6.37 -5.79 0.49
N VAL A 109 7.21 -6.41 1.33
CA VAL A 109 8.13 -7.41 0.82
C VAL A 109 7.44 -8.76 0.92
N ASN A 110 7.75 -9.66 -0.02
CA ASN A 110 7.15 -10.97 -0.06
C ASN A 110 8.20 -12.07 -0.05
N SER A 118 8.17 -10.26 -5.62
CA SER A 118 8.63 -10.15 -4.24
C SER A 118 8.42 -8.74 -3.65
N PHE A 119 7.94 -7.80 -4.48
CA PHE A 119 7.70 -6.46 -3.97
C PHE A 119 6.38 -5.85 -4.44
N THR A 120 5.53 -5.50 -3.48
CA THR A 120 4.25 -4.87 -3.79
C THR A 120 4.50 -3.38 -3.63
N TYR A 121 4.39 -2.62 -4.71
CA TYR A 121 4.62 -1.17 -4.64
C TYR A 121 3.35 -0.38 -4.39
N LEU A 122 3.07 -0.11 -3.12
CA LEU A 122 1.87 0.62 -2.78
C LEU A 122 1.76 2.01 -3.43
N VAL A 123 2.72 2.88 -3.17
CA VAL A 123 2.68 4.24 -3.68
C VAL A 123 3.02 4.38 -5.18
N HIS A 124 2.00 4.72 -5.97
CA HIS A 124 2.12 4.88 -7.42
C HIS A 124 3.38 5.64 -7.81
N PRO A 125 3.32 6.96 -8.07
CA PRO A 125 4.63 7.51 -8.41
C PRO A 125 5.59 7.37 -7.23
N GLY A 126 5.42 8.20 -6.20
CA GLY A 126 6.31 8.11 -5.05
C GLY A 126 7.29 9.27 -4.99
N ALA A 127 7.33 9.96 -3.85
CA ALA A 127 8.18 11.13 -3.66
C ALA A 127 9.59 11.09 -4.24
N ASP A 128 10.32 10.01 -4.00
CA ASP A 128 11.70 9.89 -4.49
C ASP A 128 11.82 10.24 -5.96
N THR A 129 10.72 10.11 -6.68
CA THR A 129 10.66 10.42 -8.09
C THR A 129 10.89 11.90 -8.41
N TYR A 130 10.69 12.78 -7.44
CA TYR A 130 10.83 14.21 -7.70
C TYR A 130 12.18 14.92 -7.53
N VAL A 131 13.27 14.18 -7.33
CA VAL A 131 14.54 14.86 -7.18
C VAL A 131 14.86 15.48 -8.52
N SER A 132 15.46 16.66 -8.51
CA SER A 132 15.82 17.32 -9.76
C SER A 132 17.22 17.91 -9.63
N PRO A 133 17.89 18.18 -10.75
CA PRO A 133 19.23 18.75 -10.72
C PRO A 133 19.48 19.90 -9.72
N GLN A 134 18.48 20.76 -9.52
CA GLN A 134 18.63 21.86 -8.57
C GLN A 134 18.92 21.35 -7.16
N ASP A 135 18.40 20.15 -6.84
CA ASP A 135 18.57 19.52 -5.54
C ASP A 135 19.98 18.97 -5.37
N LEU A 136 20.71 18.91 -6.46
CA LEU A 136 22.06 18.40 -6.44
C LEU A 136 22.99 19.33 -5.69
N PRO A 137 23.89 18.79 -4.87
CA PRO A 137 24.83 19.64 -4.12
C PRO A 137 26.17 19.81 -4.82
N PRO A 138 26.88 20.91 -4.52
CA PRO A 138 28.18 21.09 -5.16
C PRO A 138 29.08 19.89 -4.81
N PHE A 139 29.75 19.31 -5.79
CA PHE A 139 30.62 18.16 -5.56
C PHE A 139 32.10 18.56 -5.45
N ARG A 140 32.87 17.78 -4.69
CA ARG A 140 34.30 18.06 -4.52
C ARG A 140 35.11 16.93 -5.15
N GLN A 141 36.42 17.14 -5.35
CA GLN A 141 37.27 16.11 -5.92
C GLN A 141 37.46 14.93 -4.98
N TYR A 142 37.48 13.74 -5.56
CA TYR A 142 37.68 12.46 -4.87
C TYR A 142 36.47 11.93 -4.14
N GLU A 143 35.33 12.61 -4.24
CA GLU A 143 34.13 12.14 -3.57
C GLU A 143 33.53 11.04 -4.42
N TRP A 144 32.53 10.35 -3.87
CA TRP A 144 31.86 9.28 -4.60
C TRP A 144 30.38 9.57 -4.71
N PHE A 145 29.85 9.30 -5.89
CA PHE A 145 28.43 9.50 -6.19
C PHE A 145 27.81 8.14 -6.50
N TYR A 146 26.68 7.83 -5.85
CA TYR A 146 26.02 6.55 -6.08
C TYR A 146 24.55 6.66 -6.57
N PHE A 147 24.13 5.71 -7.38
CA PHE A 147 22.76 5.64 -7.89
C PHE A 147 22.49 4.30 -8.60
N SER A 148 21.24 3.87 -8.57
CA SER A 148 20.84 2.61 -9.20
C SER A 148 19.85 2.89 -10.31
N SER A 149 19.47 1.86 -11.05
CA SER A 149 18.51 2.06 -12.14
C SER A 149 17.15 2.45 -11.54
N ILE A 150 17.00 2.19 -10.25
CA ILE A 150 15.77 2.52 -9.55
C ILE A 150 15.50 4.01 -9.60
N GLY A 151 16.56 4.81 -9.56
CA GLY A 151 16.40 6.25 -9.61
C GLY A 151 16.27 6.76 -11.01
N LEU A 152 16.41 5.84 -11.97
CA LEU A 152 16.31 6.19 -13.37
C LEU A 152 14.92 5.85 -13.89
N THR A 153 14.11 5.19 -13.08
CA THR A 153 12.77 4.81 -13.49
C THR A 153 11.89 5.97 -13.92
N ASP A 154 11.79 7.02 -13.10
CA ASP A 154 10.93 8.14 -13.46
C ASP A 154 11.56 9.47 -13.79
N ARG A 155 10.84 10.21 -14.63
CA ARG A 155 11.24 11.49 -15.18
C ARG A 155 12.10 12.50 -14.43
N PRO A 156 11.63 13.03 -13.29
CA PRO A 156 12.55 14.01 -12.69
C PRO A 156 13.85 13.35 -12.20
N ALA A 157 13.72 12.51 -11.19
CA ALA A 157 14.84 11.81 -10.58
C ALA A 157 15.88 11.38 -11.60
N ARG A 158 15.42 10.97 -12.78
CA ARG A 158 16.31 10.53 -13.85
C ARG A 158 17.38 11.58 -14.16
N GLU A 159 16.97 12.84 -14.26
CA GLU A 159 17.89 13.93 -14.54
C GLU A 159 18.81 14.19 -13.36
N ALA A 160 18.27 14.07 -12.15
CA ALA A 160 19.05 14.27 -10.93
C ALA A 160 20.22 13.29 -10.94
N CYS A 161 19.93 12.04 -11.29
CA CYS A 161 20.96 11.00 -11.35
C CYS A 161 21.99 11.20 -12.45
N LEU A 162 21.53 11.37 -13.68
CA LEU A 162 22.44 11.52 -14.81
C LEU A 162 23.26 12.79 -14.79
N GLU A 163 22.66 13.89 -14.37
CA GLU A 163 23.39 15.15 -14.28
C GLU A 163 24.25 15.05 -13.03
N GLY A 164 23.72 14.38 -12.01
CA GLY A 164 24.48 14.23 -10.79
C GLY A 164 25.79 13.54 -11.07
N ALA A 165 25.71 12.41 -11.77
CA ALA A 165 26.91 11.65 -12.07
C ALA A 165 27.85 12.44 -13.00
N ARG A 166 27.28 13.19 -13.95
CA ARG A 166 28.10 13.98 -14.84
C ARG A 166 28.87 15.05 -14.06
N ARG A 167 28.18 15.74 -13.16
CA ARG A 167 28.84 16.78 -12.37
C ARG A 167 29.97 16.22 -11.49
N MET A 168 29.71 15.09 -10.84
CA MET A 168 30.73 14.48 -9.99
C MET A 168 31.97 14.13 -10.81
N ARG A 169 31.78 13.62 -12.01
CA ARG A 169 32.92 13.29 -12.85
C ARG A 169 33.69 14.55 -13.21
N GLU A 170 32.94 15.58 -13.60
CA GLU A 170 33.53 16.84 -13.98
C GLU A 170 34.35 17.40 -12.82
N ALA A 171 33.97 17.05 -11.60
CA ALA A 171 34.66 17.55 -10.42
C ALA A 171 35.83 16.67 -10.00
N GLY A 172 36.07 15.59 -10.72
CA GLY A 172 37.17 14.72 -10.39
C GLY A 172 36.81 13.66 -9.37
N GLY A 173 35.52 13.48 -9.15
CA GLY A 173 35.05 12.47 -8.21
C GLY A 173 34.72 11.17 -8.93
N TYR A 174 34.30 10.17 -8.17
CA TYR A 174 33.97 8.88 -8.75
C TYR A 174 32.48 8.56 -8.72
N VAL A 175 32.05 7.72 -9.65
CA VAL A 175 30.65 7.34 -9.74
C VAL A 175 30.53 5.83 -9.68
N LEU A 176 29.69 5.34 -8.78
CA LEU A 176 29.49 3.91 -8.70
C LEU A 176 28.06 3.64 -9.06
N PHE A 177 27.86 3.02 -10.23
CA PHE A 177 26.52 2.71 -10.67
C PHE A 177 26.18 1.28 -10.36
N ASP A 178 25.07 1.10 -9.66
CA ASP A 178 24.60 -0.23 -9.33
C ASP A 178 23.32 -0.49 -10.10
N VAL A 179 23.41 -1.28 -11.15
CA VAL A 179 22.19 -1.59 -11.90
C VAL A 179 21.39 -2.45 -10.93
N ASN A 180 20.34 -1.86 -10.38
CA ASN A 180 19.49 -2.59 -9.43
C ASN A 180 18.14 -2.74 -10.12
N LEU A 181 18.11 -3.57 -11.14
CA LEU A 181 16.91 -3.78 -11.94
C LEU A 181 15.64 -4.18 -11.21
N ARG A 182 14.56 -3.49 -11.55
CA ARG A 182 13.22 -3.72 -11.01
C ARG A 182 12.24 -3.42 -12.16
N SER A 183 12.38 -4.15 -13.26
CA SER A 183 11.54 -3.95 -14.44
C SER A 183 10.11 -3.48 -14.16
N LYS A 184 9.39 -4.23 -13.33
CA LYS A 184 8.00 -3.93 -12.98
C LYS A 184 7.64 -2.47 -12.73
N MET A 185 8.55 -1.73 -12.10
CA MET A 185 8.29 -0.35 -11.76
C MET A 185 8.32 0.63 -12.92
N TRP A 186 8.68 0.14 -14.11
CA TRP A 186 8.81 1.01 -15.27
C TRP A 186 7.60 1.28 -16.15
N GLY A 187 7.77 2.22 -17.10
CA GLY A 187 6.71 2.53 -18.04
C GLY A 187 6.85 1.46 -19.11
N ASN A 188 7.68 1.70 -20.12
CA ASN A 188 7.92 0.69 -21.15
C ASN A 188 9.40 0.33 -21.03
N THR A 189 9.65 -0.91 -20.65
CA THR A 189 11.00 -1.40 -20.43
C THR A 189 11.95 -1.22 -21.61
N ASP A 190 11.51 -0.55 -22.66
CA ASP A 190 12.41 -0.35 -23.79
C ASP A 190 13.46 0.70 -23.46
N GLU A 191 13.23 1.46 -22.39
CA GLU A 191 14.17 2.51 -22.01
C GLU A 191 15.34 1.96 -21.19
N ILE A 192 15.12 0.84 -20.51
CA ILE A 192 16.16 0.26 -19.66
C ILE A 192 17.52 0.07 -20.32
N PRO A 193 17.60 -0.66 -21.45
CA PRO A 193 18.91 -0.85 -22.09
C PRO A 193 19.64 0.47 -22.35
N GLU A 194 18.92 1.45 -22.89
CA GLU A 194 19.48 2.76 -23.18
C GLU A 194 20.08 3.47 -21.96
N LEU A 195 19.29 3.61 -20.89
CA LEU A 195 19.74 4.24 -19.65
C LEU A 195 20.93 3.51 -19.02
N ILE A 196 20.86 2.19 -18.95
CA ILE A 196 21.94 1.40 -18.40
C ILE A 196 23.23 1.76 -19.14
N ALA A 197 23.15 1.87 -20.46
CA ALA A 197 24.31 2.19 -21.27
C ALA A 197 24.85 3.59 -20.97
N ARG A 198 23.97 4.59 -20.86
CA ARG A 198 24.40 5.97 -20.56
C ARG A 198 25.04 6.06 -19.17
N SER A 199 24.51 5.27 -18.24
CA SER A 199 25.00 5.22 -16.87
C SER A 199 26.39 4.59 -16.81
N ALA A 200 26.54 3.40 -17.39
CA ALA A 200 27.81 2.69 -17.39
C ALA A 200 28.90 3.56 -18.00
N ALA A 201 28.49 4.45 -18.90
CA ALA A 201 29.41 5.36 -19.56
C ALA A 201 29.96 6.33 -18.50
N LEU A 202 29.05 6.83 -17.67
CA LEU A 202 29.40 7.74 -16.60
C LEU A 202 30.04 7.07 -15.39
N ALA A 203 29.93 5.75 -15.31
CA ALA A 203 30.46 5.04 -14.16
C ALA A 203 31.95 4.79 -14.07
N SER A 204 32.47 4.88 -12.85
CA SER A 204 33.88 4.62 -12.60
C SER A 204 33.90 3.14 -12.28
N ILE A 205 32.76 2.66 -11.80
CA ILE A 205 32.59 1.27 -11.43
C ILE A 205 31.12 0.88 -11.49
N CYS A 206 30.85 -0.26 -12.08
CA CYS A 206 29.49 -0.76 -12.19
C CYS A 206 29.33 -2.03 -11.36
N LYS A 207 28.30 -2.09 -10.54
CA LYS A 207 28.03 -3.27 -9.73
C LYS A 207 26.77 -3.89 -10.31
N VAL A 208 26.82 -5.20 -10.56
CA VAL A 208 25.67 -5.90 -11.11
C VAL A 208 25.62 -7.33 -10.59
N SER A 209 24.42 -7.89 -10.51
CA SER A 209 24.27 -9.27 -10.03
C SER A 209 24.22 -10.20 -11.22
N ALA A 210 24.62 -11.45 -10.99
CA ALA A 210 24.63 -12.47 -12.03
C ALA A 210 23.28 -12.49 -12.73
N ASP A 211 22.24 -12.46 -11.90
CA ASP A 211 20.87 -12.49 -12.35
C ASP A 211 20.46 -11.33 -13.26
N GLU A 212 20.86 -10.12 -12.89
CA GLU A 212 20.51 -8.94 -13.68
C GLU A 212 21.17 -8.98 -15.06
N LEU A 213 22.40 -9.49 -15.11
CA LEU A 213 23.13 -9.59 -16.37
C LEU A 213 22.29 -10.29 -17.42
N CYS A 214 21.78 -11.47 -17.06
CA CYS A 214 20.96 -12.24 -17.97
C CYS A 214 19.79 -11.38 -18.39
N GLN A 215 18.91 -11.12 -17.45
CA GLN A 215 17.73 -10.30 -17.68
C GLN A 215 18.07 -9.12 -18.61
N LEU A 216 19.25 -8.52 -18.40
CA LEU A 216 19.71 -7.39 -19.19
C LEU A 216 20.02 -7.79 -20.62
N SER A 217 20.99 -8.68 -20.78
CA SER A 217 21.38 -9.15 -22.10
C SER A 217 20.96 -10.61 -22.19
N GLY A 218 19.78 -10.84 -22.79
CA GLY A 218 19.26 -12.18 -22.94
C GLY A 218 20.34 -13.24 -22.76
N ALA A 219 20.17 -14.12 -21.79
CA ALA A 219 21.15 -15.17 -21.53
C ALA A 219 20.66 -16.13 -20.46
N SER A 220 21.10 -17.39 -20.57
CA SER A 220 20.71 -18.40 -19.60
C SER A 220 21.75 -18.41 -18.48
N HIS A 221 23.00 -18.15 -18.86
CA HIS A 221 24.12 -18.11 -17.90
C HIS A 221 24.80 -16.73 -17.94
N TRP A 222 25.07 -16.17 -16.76
CA TRP A 222 25.70 -14.85 -16.70
C TRP A 222 27.07 -14.74 -17.37
N GLN A 223 27.96 -15.71 -17.11
CA GLN A 223 29.29 -15.70 -17.70
C GLN A 223 29.24 -15.35 -19.18
N ASP A 224 28.26 -15.87 -19.89
CA ASP A 224 28.14 -15.57 -21.31
C ASP A 224 27.91 -14.07 -21.52
N ALA A 225 27.78 -13.32 -20.43
CA ALA A 225 27.53 -11.88 -20.55
C ALA A 225 28.19 -11.01 -19.47
N ARG A 226 29.27 -11.50 -18.88
CA ARG A 226 29.93 -10.72 -17.83
C ARG A 226 30.68 -9.50 -18.34
N TYR A 227 30.62 -9.25 -19.64
CA TYR A 227 31.29 -8.09 -20.21
C TYR A 227 30.24 -7.14 -20.78
N TYR A 228 28.99 -7.34 -20.38
CA TYR A 228 27.88 -6.53 -20.85
C TYR A 228 28.10 -5.03 -20.60
N LEU A 229 28.39 -4.67 -19.36
CA LEU A 229 28.61 -3.27 -19.01
C LEU A 229 29.99 -2.84 -19.47
N ARG A 230 30.96 -3.73 -19.31
CA ARG A 230 32.32 -3.41 -19.72
C ARG A 230 32.34 -2.99 -21.19
N ASP A 231 31.47 -3.59 -22.00
CA ASP A 231 31.42 -3.23 -23.41
C ASP A 231 30.61 -1.95 -23.58
N LEU A 232 29.94 -1.53 -22.51
CA LEU A 232 29.13 -0.32 -22.55
C LEU A 232 29.87 0.91 -22.05
N GLY A 233 31.11 0.73 -21.61
CA GLY A 233 31.88 1.86 -21.14
C GLY A 233 32.39 1.78 -19.73
N CYS A 234 32.12 0.69 -19.03
CA CYS A 234 32.60 0.57 -17.66
C CYS A 234 33.74 -0.42 -17.60
N ASP A 235 34.95 0.10 -17.41
CA ASP A 235 36.15 -0.72 -17.37
C ASP A 235 36.36 -1.47 -16.06
N THR A 236 35.45 -1.29 -15.11
CA THR A 236 35.55 -2.00 -13.85
C THR A 236 34.17 -2.51 -13.48
N THR A 237 34.04 -3.82 -13.43
CA THR A 237 32.75 -4.44 -13.13
C THR A 237 32.85 -5.37 -11.94
N ILE A 238 31.88 -5.26 -11.05
CA ILE A 238 31.82 -6.12 -9.89
C ILE A 238 30.50 -6.85 -10.03
N ILE A 239 30.56 -8.16 -10.19
CA ILE A 239 29.37 -8.99 -10.32
C ILE A 239 29.15 -9.75 -9.02
N SER A 240 28.07 -9.46 -8.33
CA SER A 240 27.76 -10.14 -7.07
C SER A 240 27.13 -11.51 -7.33
N LEU A 241 27.63 -12.53 -6.65
CA LEU A 241 27.13 -13.87 -6.87
C LEU A 241 26.50 -14.54 -5.66
N GLY A 242 25.28 -14.12 -5.32
CA GLY A 242 24.58 -14.70 -4.19
C GLY A 242 25.47 -15.07 -3.02
N ALA A 243 25.32 -16.29 -2.52
CA ALA A 243 26.13 -16.75 -1.39
C ALA A 243 27.58 -17.01 -1.77
N ASP A 244 27.86 -16.97 -3.08
CA ASP A 244 29.21 -17.22 -3.60
C ASP A 244 30.20 -16.09 -3.32
N GLY A 245 29.70 -14.87 -3.33
CA GLY A 245 30.54 -13.70 -3.10
C GLY A 245 30.42 -12.76 -4.29
N ALA A 246 31.53 -12.56 -5.00
CA ALA A 246 31.52 -11.68 -6.16
C ALA A 246 32.72 -11.95 -7.04
N LEU A 247 32.66 -11.47 -8.27
CA LEU A 247 33.73 -11.62 -9.24
C LEU A 247 34.16 -10.23 -9.67
N LEU A 248 35.44 -9.92 -9.52
CA LEU A 248 35.97 -8.62 -9.93
C LEU A 248 36.45 -8.75 -11.36
N ILE A 249 36.29 -7.70 -12.15
CA ILE A 249 36.74 -7.74 -13.53
C ILE A 249 37.44 -6.47 -14.02
N THR A 250 38.77 -6.49 -13.95
CA THR A 250 39.63 -5.41 -14.42
C THR A 250 40.56 -6.00 -15.48
N ALA A 251 41.17 -5.17 -16.31
CA ALA A 251 42.06 -5.68 -17.36
C ALA A 251 43.16 -6.62 -16.82
N GLU A 252 43.65 -6.32 -15.63
CA GLU A 252 44.69 -7.15 -15.03
C GLU A 252 44.19 -8.60 -14.95
N GLY A 253 42.89 -8.78 -15.12
CA GLY A 253 42.31 -10.12 -15.09
C GLY A 253 41.05 -10.27 -14.25
N GLU A 254 40.52 -11.50 -14.20
CA GLU A 254 39.33 -11.77 -13.42
C GLU A 254 39.66 -12.38 -12.08
N PHE A 255 38.99 -11.88 -11.05
CA PHE A 255 39.23 -12.37 -9.70
C PHE A 255 37.91 -12.65 -9.00
N HIS A 256 37.95 -13.59 -8.05
CA HIS A 256 36.76 -14.03 -7.33
C HIS A 256 36.93 -13.91 -5.83
N PHE A 257 35.90 -13.40 -5.17
CA PHE A 257 35.95 -13.24 -3.72
C PHE A 257 34.81 -14.01 -3.08
N PRO A 258 35.13 -14.91 -2.14
CA PRO A 258 34.15 -15.73 -1.43
C PRO A 258 33.41 -15.03 -0.29
N ALA A 259 32.08 -15.17 -0.29
CA ALA A 259 31.24 -14.59 0.74
C ALA A 259 31.22 -15.50 1.96
N PRO A 260 31.34 -14.91 3.16
CA PRO A 260 31.34 -15.66 4.42
C PRO A 260 30.21 -16.68 4.52
N ARG A 261 30.44 -17.67 5.38
CA ARG A 261 29.50 -18.75 5.66
C ARG A 261 28.47 -18.23 6.67
N VAL A 262 27.30 -17.84 6.17
CA VAL A 262 26.25 -17.28 7.01
C VAL A 262 24.86 -17.87 6.75
N ASP A 263 24.02 -17.83 7.79
CA ASP A 263 22.65 -18.34 7.77
C ASP A 263 21.58 -17.34 7.33
N VAL A 264 20.97 -17.59 6.16
CA VAL A 264 19.94 -16.70 5.61
C VAL A 264 18.63 -16.64 6.40
N VAL A 265 18.22 -15.41 6.70
CA VAL A 265 16.98 -15.16 7.43
C VAL A 265 16.14 -14.25 6.55
N ASP A 266 16.84 -13.34 5.86
CA ASP A 266 16.22 -12.38 4.96
C ASP A 266 17.34 -11.84 4.07
N THR A 267 17.22 -12.08 2.77
CA THR A 267 18.23 -11.61 1.82
C THR A 267 18.04 -10.12 1.55
N THR A 268 16.82 -9.64 1.75
CA THR A 268 16.48 -8.23 1.54
C THR A 268 17.59 -7.30 2.05
N GLY A 269 18.32 -6.72 1.12
CA GLY A 269 19.38 -5.80 1.50
C GLY A 269 20.80 -6.24 1.23
N ALA A 270 21.02 -7.53 0.98
CA ALA A 270 22.36 -8.05 0.72
C ALA A 270 23.11 -7.18 -0.27
N GLY A 271 22.54 -7.01 -1.45
CA GLY A 271 23.18 -6.21 -2.48
C GLY A 271 23.51 -4.79 -2.05
N ASP A 272 22.56 -4.13 -1.38
CA ASP A 272 22.80 -2.75 -0.95
C ASP A 272 23.88 -2.69 0.13
N ALA A 273 23.92 -3.69 1.00
CA ALA A 273 24.91 -3.72 2.07
C ALA A 273 26.26 -3.95 1.44
N PHE A 274 26.25 -4.72 0.34
CA PHE A 274 27.45 -5.01 -0.40
C PHE A 274 28.08 -3.73 -0.92
N VAL A 275 27.27 -2.91 -1.60
CA VAL A 275 27.76 -1.66 -2.16
C VAL A 275 28.15 -0.66 -1.08
N GLY A 276 27.44 -0.68 0.04
CA GLY A 276 27.78 0.23 1.12
C GLY A 276 29.19 -0.04 1.58
N GLY A 277 29.48 -1.32 1.80
CA GLY A 277 30.81 -1.70 2.24
C GLY A 277 31.85 -1.31 1.24
N LEU A 278 31.52 -1.49 -0.04
CA LEU A 278 32.44 -1.16 -1.11
C LEU A 278 32.76 0.34 -1.10
N LEU A 279 31.70 1.15 -1.01
CA LEU A 279 31.85 2.60 -1.01
C LEU A 279 32.59 3.11 0.23
N PHE A 280 32.38 2.46 1.37
CA PHE A 280 33.06 2.86 2.60
C PHE A 280 34.59 2.72 2.44
N THR A 281 35.01 1.61 1.86
CA THR A 281 36.42 1.33 1.66
C THR A 281 37.05 2.22 0.58
N LEU A 282 36.40 2.35 -0.56
CA LEU A 282 36.92 3.17 -1.63
C LEU A 282 37.11 4.64 -1.22
N SER A 283 36.23 5.13 -0.35
CA SER A 283 36.28 6.52 0.08
C SER A 283 37.39 6.84 1.08
N ARG A 284 38.13 5.82 1.50
CA ARG A 284 39.21 6.01 2.46
C ARG A 284 40.49 6.44 1.74
N ALA A 285 40.40 6.59 0.42
CA ALA A 285 41.55 7.00 -0.38
C ALA A 285 41.13 7.85 -1.56
N ASN A 286 42.06 8.63 -2.08
CA ASN A 286 41.79 9.50 -3.21
C ASN A 286 41.83 8.76 -4.54
N CYS A 287 42.59 7.68 -4.60
CA CYS A 287 42.66 6.90 -5.82
C CYS A 287 42.36 5.44 -5.52
N TRP A 288 41.95 4.70 -6.52
CA TRP A 288 41.66 3.30 -6.28
C TRP A 288 42.33 2.41 -7.30
N ASP A 289 42.67 1.20 -6.86
CA ASP A 289 43.34 0.21 -7.71
C ASP A 289 43.16 -1.15 -7.04
N HIS A 290 43.74 -2.18 -7.64
CA HIS A 290 43.63 -3.52 -7.10
C HIS A 290 43.82 -3.67 -5.57
N ALA A 291 44.86 -3.08 -4.97
CA ALA A 291 45.01 -3.23 -3.52
C ALA A 291 43.73 -2.77 -2.81
N LEU A 292 43.40 -1.49 -3.00
CA LEU A 292 42.22 -0.89 -2.39
C LEU A 292 40.95 -1.59 -2.89
N LEU A 293 40.89 -1.78 -4.21
CA LEU A 293 39.76 -2.41 -4.85
C LEU A 293 39.54 -3.84 -4.37
N ALA A 294 40.64 -4.56 -4.16
CA ALA A 294 40.54 -5.94 -3.70
C ALA A 294 40.10 -5.95 -2.25
N GLU A 295 40.47 -4.91 -1.51
CA GLU A 295 40.10 -4.82 -0.11
C GLU A 295 38.64 -4.42 0.01
N ALA A 296 38.20 -3.57 -0.92
CA ALA A 296 36.83 -3.10 -0.93
C ALA A 296 35.85 -4.26 -1.14
N ILE A 297 36.14 -5.11 -2.11
CA ILE A 297 35.27 -6.24 -2.38
C ILE A 297 35.23 -7.22 -1.21
N SER A 298 36.33 -7.33 -0.47
CA SER A 298 36.38 -8.24 0.67
C SER A 298 35.40 -7.70 1.70
N ASN A 299 35.49 -6.39 1.91
CA ASN A 299 34.64 -5.71 2.87
C ASN A 299 33.20 -5.74 2.39
N ALA A 300 33.02 -5.68 1.08
CA ALA A 300 31.68 -5.71 0.48
C ALA A 300 31.03 -7.06 0.76
N ASN A 301 31.79 -8.13 0.69
CA ASN A 301 31.22 -9.45 0.94
C ASN A 301 30.89 -9.61 2.40
N ALA A 302 31.78 -9.16 3.27
CA ALA A 302 31.54 -9.26 4.70
C ALA A 302 30.19 -8.64 5.00
N CYS A 303 29.99 -7.40 4.55
CA CYS A 303 28.73 -6.70 4.78
C CYS A 303 27.55 -7.43 4.15
N GLY A 304 27.75 -7.90 2.93
CA GLY A 304 26.69 -8.61 2.25
C GLY A 304 26.23 -9.79 3.06
N ALA A 305 27.17 -10.50 3.67
CA ALA A 305 26.86 -11.67 4.49
C ALA A 305 26.02 -11.27 5.69
N MET A 306 26.62 -10.46 6.58
CA MET A 306 25.96 -10.01 7.79
C MET A 306 24.53 -9.51 7.59
N ALA A 307 24.32 -8.64 6.60
CA ALA A 307 22.99 -8.08 6.38
C ALA A 307 21.91 -9.13 6.12
N VAL A 308 22.30 -10.31 5.62
CA VAL A 308 21.28 -11.32 5.37
C VAL A 308 20.91 -12.10 6.62
N THR A 309 21.38 -11.65 7.79
CA THR A 309 21.07 -12.38 9.01
C THR A 309 19.97 -11.72 9.85
N ALA A 310 19.06 -10.99 9.22
CA ALA A 310 17.98 -10.33 9.98
C ALA A 310 16.88 -9.77 9.10
N LYS A 311 15.66 -9.77 9.60
CA LYS A 311 14.53 -9.23 8.85
C LYS A 311 14.78 -7.74 8.70
N GLY A 312 14.54 -7.22 7.49
CA GLY A 312 14.76 -5.81 7.24
C GLY A 312 16.04 -5.52 6.46
N ALA A 313 15.95 -4.56 5.55
CA ALA A 313 17.09 -4.20 4.72
C ALA A 313 18.30 -3.65 5.48
N MET A 314 18.08 -2.81 6.49
CA MET A 314 19.19 -2.25 7.23
C MET A 314 19.28 -2.63 8.72
N THR A 315 18.58 -3.71 9.07
CA THR A 315 18.61 -4.19 10.44
C THR A 315 20.01 -4.63 10.88
N ALA A 316 20.60 -5.58 10.16
CA ALA A 316 21.93 -6.08 10.52
C ALA A 316 23.13 -5.35 9.91
N LEU A 317 22.93 -4.12 9.43
CA LEU A 317 24.03 -3.34 8.89
C LEU A 317 24.92 -3.06 10.10
N PRO A 318 26.13 -3.63 10.12
CA PRO A 318 27.17 -3.56 11.15
C PRO A 318 27.82 -2.23 11.47
N PHE A 319 28.26 -2.13 12.73
CA PHE A 319 28.99 -0.97 13.20
C PHE A 319 30.43 -1.44 13.11
N PRO A 320 31.40 -0.52 13.25
CA PRO A 320 32.80 -0.96 13.17
C PRO A 320 33.16 -2.12 14.09
N ASP A 321 32.91 -1.98 15.38
CA ASP A 321 33.22 -3.05 16.33
C ASP A 321 32.72 -4.38 15.77
N GLN A 322 31.41 -4.44 15.54
CA GLN A 322 30.76 -5.63 14.99
C GLN A 322 31.37 -6.15 13.69
N LEU A 323 31.74 -5.25 12.79
CA LEU A 323 32.32 -5.69 11.52
C LEU A 323 33.56 -6.53 11.73
N ASN A 324 34.30 -6.26 12.79
CA ASN A 324 35.51 -7.03 13.06
C ASN A 324 35.29 -8.38 13.73
N THR A 325 34.40 -8.43 14.72
CA THR A 325 34.11 -9.69 15.39
C THR A 325 33.52 -10.66 14.37
N PHE A 326 32.92 -10.12 13.33
CA PHE A 326 32.33 -10.97 12.28
C PHE A 326 33.43 -11.32 11.27
N LEU A 327 34.23 -10.33 10.91
CA LEU A 327 35.31 -10.56 9.96
C LEU A 327 36.05 -11.82 10.39
N SER A 328 36.28 -11.95 11.69
CA SER A 328 36.98 -13.11 12.21
C SER A 328 35.99 -14.20 12.64
N ASN B 25 -32.89 -16.13 1.53
CA ASN B 25 -32.48 -15.38 0.31
C ASN B 25 -31.07 -14.80 0.46
N LYS B 26 -30.28 -14.93 -0.60
CA LYS B 26 -28.91 -14.45 -0.59
C LYS B 26 -28.79 -12.92 -0.62
N VAL B 27 -27.78 -12.44 0.10
CA VAL B 27 -27.50 -11.01 0.18
C VAL B 27 -26.18 -10.67 -0.50
N TRP B 28 -26.26 -9.97 -1.62
CA TRP B 28 -25.07 -9.58 -2.35
C TRP B 28 -24.59 -8.21 -1.90
N VAL B 29 -23.29 -8.12 -1.65
CA VAL B 29 -22.65 -6.90 -1.22
C VAL B 29 -21.55 -6.61 -2.23
N ILE B 30 -21.57 -5.42 -2.82
CA ILE B 30 -20.56 -5.04 -3.79
C ILE B 30 -19.85 -3.78 -3.34
N GLY B 31 -18.53 -3.74 -3.47
CA GLY B 31 -17.84 -2.55 -3.06
C GLY B 31 -16.41 -2.69 -2.64
N ASP B 32 -16.04 -1.89 -1.64
CA ASP B 32 -14.70 -1.83 -1.12
C ASP B 32 -14.32 -2.76 0.03
N ALA B 33 -13.07 -3.22 -0.06
CA ALA B 33 -12.42 -4.09 0.92
C ALA B 33 -10.99 -3.60 0.90
N SER B 34 -10.45 -3.25 2.06
CA SER B 34 -9.09 -2.77 2.08
C SER B 34 -8.46 -3.15 3.39
N VAL B 35 -7.16 -2.94 3.48
CA VAL B 35 -6.43 -3.26 4.68
C VAL B 35 -6.00 -1.99 5.38
N ASP B 36 -6.36 -1.89 6.66
CA ASP B 36 -5.98 -0.74 7.46
C ASP B 36 -4.80 -1.18 8.32
N LEU B 37 -3.76 -0.35 8.34
CA LEU B 37 -2.58 -0.65 9.13
C LEU B 37 -2.56 0.23 10.35
N VAL B 38 -2.69 -0.38 11.52
CA VAL B 38 -2.66 0.34 12.78
C VAL B 38 -1.43 -0.03 13.59
N PRO B 39 -0.80 0.96 14.24
CA PRO B 39 0.39 0.75 15.06
C PRO B 39 0.24 -0.33 16.13
N GLU B 40 1.34 -1.00 16.44
CA GLU B 40 1.35 -2.04 17.45
C GLU B 40 2.57 -1.78 18.33
N LYS B 41 3.74 -1.79 17.72
CA LYS B 41 4.97 -1.49 18.43
C LYS B 41 5.56 -0.29 17.73
N GLN B 42 6.77 0.08 18.11
CA GLN B 42 7.42 1.22 17.47
C GLN B 42 7.92 0.76 16.10
N ASN B 43 7.77 -0.53 15.83
CA ASN B 43 8.23 -1.08 14.55
C ASN B 43 7.28 -2.10 13.93
N SER B 44 5.98 -1.96 14.15
CA SER B 44 5.02 -2.91 13.57
C SER B 44 3.64 -2.33 13.30
N TYR B 45 2.88 -3.03 12.47
CA TYR B 45 1.51 -2.64 12.11
C TYR B 45 0.63 -3.86 12.15
N LEU B 46 -0.57 -3.67 12.69
CA LEU B 46 -1.55 -4.73 12.78
C LEU B 46 -2.44 -4.50 11.57
N LYS B 47 -2.71 -5.55 10.81
CA LYS B 47 -3.56 -5.41 9.63
C LYS B 47 -5.00 -5.78 9.95
N CYS B 48 -5.87 -4.76 9.96
CA CYS B 48 -7.29 -4.95 10.26
C CYS B 48 -8.16 -5.03 9.02
N PRO B 49 -9.23 -5.83 9.05
CA PRO B 49 -10.07 -5.89 7.86
C PRO B 49 -10.92 -4.64 7.85
N GLY B 50 -10.96 -3.97 6.71
CA GLY B 50 -11.73 -2.74 6.58
C GLY B 50 -12.57 -2.70 5.33
N GLY B 51 -13.27 -1.58 5.13
CA GLY B 51 -14.12 -1.43 3.96
C GLY B 51 -15.58 -1.51 4.36
N ALA B 52 -16.36 -0.55 3.88
CA ALA B 52 -17.78 -0.48 4.19
C ALA B 52 -18.52 -1.72 3.70
N SER B 53 -18.36 -2.04 2.42
CA SER B 53 -19.02 -3.22 1.86
C SER B 53 -18.52 -4.48 2.58
N ALA B 54 -17.25 -4.49 2.93
CA ALA B 54 -16.66 -5.63 3.63
C ALA B 54 -17.28 -5.85 5.00
N ASN B 55 -17.39 -4.78 5.79
CA ASN B 55 -17.99 -4.91 7.12
C ASN B 55 -19.44 -5.39 7.03
N VAL B 56 -20.24 -4.76 6.18
CA VAL B 56 -21.63 -5.14 6.02
C VAL B 56 -21.71 -6.62 5.69
N GLY B 57 -20.87 -7.05 4.77
CA GLY B 57 -20.86 -8.45 4.37
C GLY B 57 -20.52 -9.39 5.51
N VAL B 58 -19.47 -9.06 6.26
CA VAL B 58 -19.08 -9.90 7.37
C VAL B 58 -20.19 -9.89 8.39
N CYS B 59 -20.85 -8.75 8.53
CA CYS B 59 -21.94 -8.62 9.47
C CYS B 59 -23.05 -9.61 9.17
N VAL B 60 -23.61 -9.53 7.97
CA VAL B 60 -24.68 -10.44 7.58
C VAL B 60 -24.29 -11.91 7.76
N ALA B 61 -23.07 -12.24 7.35
CA ALA B 61 -22.61 -13.62 7.46
C ALA B 61 -22.48 -14.02 8.93
N ARG B 62 -21.81 -13.16 9.70
CA ARG B 62 -21.57 -13.38 11.12
C ARG B 62 -22.87 -13.40 11.93
N LEU B 63 -23.99 -13.46 11.23
CA LEU B 63 -25.32 -13.50 11.85
C LEU B 63 -26.08 -14.65 11.23
N GLY B 64 -25.34 -15.51 10.55
CA GLY B 64 -25.97 -16.66 9.92
C GLY B 64 -26.79 -16.39 8.67
N GLY B 65 -26.46 -15.32 7.94
CA GLY B 65 -27.19 -15.02 6.71
C GLY B 65 -26.36 -15.41 5.50
N GLU B 66 -26.99 -15.72 4.37
CA GLU B 66 -26.20 -16.09 3.19
C GLU B 66 -25.73 -14.84 2.46
N CYS B 67 -24.44 -14.54 2.57
CA CYS B 67 -23.89 -13.35 1.95
C CYS B 67 -22.71 -13.52 1.00
N GLY B 68 -22.82 -12.93 -0.18
CA GLY B 68 -21.75 -13.01 -1.15
C GLY B 68 -21.14 -11.65 -1.42
N PHE B 69 -19.81 -11.58 -1.46
CA PHE B 69 -19.10 -10.34 -1.72
C PHE B 69 -18.74 -10.25 -3.21
N ILE B 70 -19.12 -9.14 -3.85
CA ILE B 70 -18.81 -8.91 -5.27
C ILE B 70 -17.79 -7.80 -5.33
N GLY B 71 -16.56 -8.08 -5.72
CA GLY B 71 -15.59 -7.00 -5.77
C GLY B 71 -14.26 -7.33 -6.39
N CYS B 72 -13.31 -6.42 -6.16
CA CYS B 72 -11.99 -6.58 -6.72
C CYS B 72 -10.89 -6.26 -5.72
N LEU B 73 -9.80 -7.01 -5.78
CA LEU B 73 -8.68 -6.81 -4.88
C LEU B 73 -7.38 -7.21 -5.58
N GLY B 74 -6.26 -6.82 -4.98
CA GLY B 74 -4.98 -7.17 -5.57
C GLY B 74 -4.55 -8.53 -5.06
N ASP B 75 -3.76 -9.24 -5.86
CA ASP B 75 -3.28 -10.57 -5.45
C ASP B 75 -2.13 -10.41 -4.46
N ASP B 76 -1.88 -9.19 -4.06
CA ASP B 76 -0.82 -8.90 -3.10
C ASP B 76 -1.12 -9.57 -1.77
N ASP B 77 -0.22 -9.37 -0.82
CA ASP B 77 -0.35 -9.92 0.51
C ASP B 77 -1.65 -9.48 1.18
N ALA B 78 -2.02 -8.22 0.97
CA ALA B 78 -3.24 -7.62 1.54
C ALA B 78 -4.55 -8.23 1.04
N GLY B 79 -4.70 -8.28 -0.27
CA GLY B 79 -5.90 -8.87 -0.85
C GLY B 79 -6.10 -10.30 -0.40
N ARG B 80 -5.01 -11.07 -0.30
CA ARG B 80 -5.12 -12.47 0.14
C ARG B 80 -5.57 -12.51 1.59
N PHE B 81 -5.01 -11.63 2.41
CA PHE B 81 -5.39 -11.58 3.80
C PHE B 81 -6.89 -11.34 3.87
N LEU B 82 -7.34 -10.28 3.19
CA LEU B 82 -8.74 -9.91 3.16
C LEU B 82 -9.66 -11.05 2.74
N ARG B 83 -9.28 -11.72 1.66
CA ARG B 83 -10.06 -12.82 1.16
C ARG B 83 -10.21 -13.89 2.24
N GLN B 84 -9.15 -14.08 3.03
CA GLN B 84 -9.18 -15.06 4.11
C GLN B 84 -10.20 -14.64 5.18
N VAL B 85 -10.24 -13.36 5.52
CA VAL B 85 -11.18 -12.91 6.52
C VAL B 85 -12.59 -13.21 6.06
N PHE B 86 -12.86 -13.02 4.78
CA PHE B 86 -14.19 -13.30 4.26
C PHE B 86 -14.54 -14.75 4.45
N GLN B 87 -13.57 -15.62 4.24
CA GLN B 87 -13.79 -17.04 4.39
C GLN B 87 -13.90 -17.46 5.85
N ASP B 88 -13.07 -16.90 6.72
CA ASP B 88 -13.14 -17.24 8.12
C ASP B 88 -14.52 -16.87 8.66
N ASN B 89 -15.15 -15.88 8.02
CA ASN B 89 -16.45 -15.39 8.45
C ASN B 89 -17.66 -15.91 7.72
N GLY B 90 -17.45 -16.76 6.73
CA GLY B 90 -18.58 -17.32 6.01
C GLY B 90 -19.11 -16.49 4.86
N VAL B 91 -18.29 -15.59 4.35
CA VAL B 91 -18.72 -14.78 3.23
C VAL B 91 -18.27 -15.44 1.95
N ASP B 92 -19.22 -15.73 1.07
CA ASP B 92 -18.92 -16.34 -0.22
C ASP B 92 -18.09 -15.39 -1.07
N VAL B 93 -16.89 -15.83 -1.42
CA VAL B 93 -15.98 -15.02 -2.20
C VAL B 93 -15.85 -15.44 -3.66
N THR B 94 -16.84 -16.19 -4.16
CA THR B 94 -16.83 -16.67 -5.55
C THR B 94 -16.75 -15.54 -6.57
N PHE B 95 -17.24 -14.36 -6.23
CA PHE B 95 -17.20 -13.27 -7.17
C PHE B 95 -16.28 -12.14 -6.77
N LEU B 96 -15.30 -12.49 -5.94
CA LEU B 96 -14.27 -11.57 -5.49
C LEU B 96 -13.08 -11.96 -6.36
N ARG B 97 -12.96 -11.31 -7.52
CA ARG B 97 -11.88 -11.56 -8.46
C ARG B 97 -10.57 -10.93 -7.99
N LEU B 98 -9.57 -11.77 -7.69
CA LEU B 98 -8.26 -11.30 -7.23
C LEU B 98 -7.30 -11.15 -8.43
N ASP B 99 -6.98 -9.91 -8.78
CA ASP B 99 -6.11 -9.64 -9.92
C ASP B 99 -4.66 -9.31 -9.54
N ALA B 100 -3.75 -9.44 -10.50
CA ALA B 100 -2.34 -9.19 -10.24
C ALA B 100 -1.81 -7.92 -10.90
N ASP B 101 -2.60 -7.30 -11.75
CA ASP B 101 -2.17 -6.06 -12.39
C ASP B 101 -2.79 -4.93 -11.59
N LEU B 102 -3.29 -5.29 -10.42
CA LEU B 102 -3.98 -4.36 -9.51
C LEU B 102 -3.32 -4.33 -8.14
N THR B 103 -3.63 -3.29 -7.35
CA THR B 103 -3.06 -3.17 -6.01
C THR B 103 -4.17 -2.98 -4.97
N SER B 104 -4.23 -3.88 -4.00
CA SER B 104 -5.21 -3.80 -2.93
C SER B 104 -4.96 -2.55 -2.11
N ALA B 105 -6.02 -1.94 -1.62
CA ALA B 105 -5.90 -0.73 -0.83
C ALA B 105 -5.28 -0.97 0.53
N VAL B 106 -4.34 -0.10 0.88
CA VAL B 106 -3.65 -0.13 2.14
C VAL B 106 -3.68 1.27 2.69
N LEU B 107 -4.11 1.37 3.95
CA LEU B 107 -4.21 2.65 4.63
C LEU B 107 -3.39 2.67 5.91
N ILE B 108 -2.71 3.78 6.14
CA ILE B 108 -1.92 3.97 7.35
C ILE B 108 -2.82 4.84 8.23
N VAL B 109 -3.15 4.33 9.40
CA VAL B 109 -4.04 5.07 10.29
C VAL B 109 -3.28 5.78 11.42
N ASN B 110 -3.77 6.97 11.78
CA ASN B 110 -3.14 7.78 12.84
C ASN B 110 -4.17 8.18 13.90
N PHE B 119 -7.43 7.67 7.36
CA PHE B 119 -6.35 8.52 7.86
C PHE B 119 -5.27 8.76 6.79
N THR B 120 -4.92 7.72 6.03
CA THR B 120 -3.92 7.86 4.97
C THR B 120 -4.16 6.85 3.84
N TYR B 121 -3.93 7.31 2.62
CA TYR B 121 -4.16 6.49 1.45
C TYR B 121 -2.89 6.31 0.62
N LEU B 122 -2.33 5.10 0.61
CA LEU B 122 -1.13 4.86 -0.16
C LEU B 122 -1.45 4.50 -1.61
N VAL B 123 -2.40 3.59 -1.79
CA VAL B 123 -2.80 3.13 -3.12
C VAL B 123 -3.94 3.97 -3.68
N HIS B 124 -3.77 4.60 -4.84
CA HIS B 124 -4.87 5.40 -5.32
C HIS B 124 -5.67 4.87 -6.48
N PRO B 125 -5.02 4.37 -7.52
CA PRO B 125 -5.98 3.91 -8.52
C PRO B 125 -6.91 2.88 -7.85
N GLY B 126 -6.50 2.37 -6.68
CA GLY B 126 -7.30 1.42 -5.91
C GLY B 126 -7.89 0.21 -6.63
N ALA B 127 -7.56 -0.99 -6.20
CA ALA B 127 -8.04 -2.19 -6.90
C ALA B 127 -9.53 -2.47 -6.76
N ASP B 128 -10.13 -2.07 -5.65
CA ASP B 128 -11.54 -2.33 -5.49
C ASP B 128 -12.34 -1.48 -6.45
N THR B 129 -11.67 -0.54 -7.12
CA THR B 129 -12.35 0.33 -8.09
C THR B 129 -12.42 -0.27 -9.49
N TYR B 130 -11.77 -1.41 -9.69
CA TYR B 130 -11.78 -2.03 -11.01
C TYR B 130 -12.88 -3.05 -11.18
N VAL B 131 -13.62 -3.34 -10.11
CA VAL B 131 -14.71 -4.30 -10.20
C VAL B 131 -15.65 -3.76 -11.29
N SER B 132 -16.03 -4.62 -12.22
CA SER B 132 -16.88 -4.18 -13.33
C SER B 132 -18.15 -5.01 -13.50
N PRO B 133 -19.04 -4.60 -14.41
CA PRO B 133 -20.28 -5.34 -14.64
C PRO B 133 -20.07 -6.84 -14.91
N GLN B 134 -18.97 -7.20 -15.56
CA GLN B 134 -18.70 -8.60 -15.85
C GLN B 134 -18.23 -9.34 -14.62
N ASP B 135 -18.19 -8.65 -13.49
CA ASP B 135 -17.78 -9.25 -12.22
C ASP B 135 -19.01 -9.64 -11.43
N LEU B 136 -20.18 -9.27 -11.97
CA LEU B 136 -21.47 -9.52 -11.34
C LEU B 136 -22.00 -10.93 -11.60
N PRO B 137 -22.64 -11.55 -10.60
CA PRO B 137 -23.20 -12.90 -10.75
C PRO B 137 -24.65 -12.83 -11.24
N PRO B 138 -25.26 -13.98 -11.54
CA PRO B 138 -26.65 -13.90 -11.99
C PRO B 138 -27.44 -13.68 -10.72
N PHE B 139 -28.49 -12.86 -10.79
CA PHE B 139 -29.31 -12.60 -9.61
C PHE B 139 -30.60 -13.39 -9.64
N ARG B 140 -31.10 -13.72 -8.46
CA ARG B 140 -32.34 -14.48 -8.34
C ARG B 140 -33.36 -13.62 -7.63
N GLN B 141 -34.63 -13.84 -7.96
CA GLN B 141 -35.74 -13.12 -7.35
C GLN B 141 -35.63 -13.16 -5.82
N TYR B 142 -36.05 -12.07 -5.17
CA TYR B 142 -36.03 -11.94 -3.71
C TYR B 142 -34.64 -11.79 -3.07
N GLU B 143 -33.61 -11.70 -3.90
CA GLU B 143 -32.25 -11.54 -3.40
C GLU B 143 -32.04 -10.05 -3.13
N TRP B 144 -31.10 -9.71 -2.25
CA TRP B 144 -30.82 -8.31 -1.97
C TRP B 144 -29.46 -7.89 -2.49
N PHE B 145 -29.39 -6.69 -3.06
CA PHE B 145 -28.15 -6.13 -3.59
C PHE B 145 -27.82 -4.85 -2.83
N TYR B 146 -26.59 -4.74 -2.33
CA TYR B 146 -26.16 -3.57 -1.56
C TYR B 146 -24.98 -2.82 -2.17
N PHE B 147 -24.97 -1.51 -1.96
CA PHE B 147 -23.89 -0.64 -2.42
C PHE B 147 -24.00 0.77 -1.80
N SER B 148 -22.87 1.44 -1.61
CA SER B 148 -22.83 2.77 -1.04
C SER B 148 -22.29 3.72 -2.08
N SER B 149 -22.29 5.02 -1.78
CA SER B 149 -21.76 6.01 -2.72
C SER B 149 -20.26 5.80 -2.87
N ILE B 150 -19.67 5.06 -1.94
CA ILE B 150 -18.23 4.78 -1.98
C ILE B 150 -17.85 4.00 -3.22
N GLY B 151 -18.76 3.13 -3.68
CA GLY B 151 -18.47 2.33 -4.86
C GLY B 151 -18.82 3.09 -6.12
N LEU B 152 -19.31 4.30 -5.93
CA LEU B 152 -19.70 5.14 -7.04
C LEU B 152 -18.67 6.25 -7.28
N THR B 153 -17.56 6.17 -6.57
CA THR B 153 -16.53 7.18 -6.68
C THR B 153 -15.70 7.13 -7.96
N ASP B 154 -15.31 5.93 -8.37
CA ASP B 154 -14.50 5.78 -9.56
C ASP B 154 -15.23 4.98 -10.61
N ARG B 155 -15.18 5.47 -11.84
CA ARG B 155 -15.88 4.92 -13.00
C ARG B 155 -16.08 3.43 -13.19
N PRO B 156 -15.02 2.62 -13.14
CA PRO B 156 -15.34 1.20 -13.35
C PRO B 156 -16.35 0.68 -12.30
N ALA B 157 -15.99 0.75 -11.03
CA ALA B 157 -16.89 0.29 -9.97
C ALA B 157 -18.27 0.95 -10.05
N ARG B 158 -18.33 2.15 -10.63
CA ARG B 158 -19.58 2.86 -10.80
C ARG B 158 -20.57 2.07 -11.64
N GLU B 159 -20.12 1.53 -12.77
CA GLU B 159 -20.98 0.72 -13.63
C GLU B 159 -21.38 -0.60 -12.95
N ALA B 160 -20.43 -1.21 -12.24
CA ALA B 160 -20.73 -2.45 -11.55
C ALA B 160 -21.92 -2.23 -10.64
N CYS B 161 -21.88 -1.11 -9.93
CA CYS B 161 -22.92 -0.73 -8.99
C CYS B 161 -24.26 -0.42 -9.64
N LEU B 162 -24.26 0.51 -10.57
CA LEU B 162 -25.49 0.91 -11.23
C LEU B 162 -26.12 -0.18 -12.09
N GLU B 163 -25.27 -0.96 -12.76
CA GLU B 163 -25.74 -2.06 -13.61
C GLU B 163 -26.16 -3.18 -12.66
N GLY B 164 -25.38 -3.35 -11.61
CA GLY B 164 -25.69 -4.36 -10.62
C GLY B 164 -27.09 -4.17 -10.05
N ALA B 165 -27.40 -2.95 -9.60
CA ALA B 165 -28.70 -2.63 -9.03
C ALA B 165 -29.83 -2.77 -10.05
N ARG B 166 -29.56 -2.36 -11.29
CA ARG B 166 -30.53 -2.46 -12.37
C ARG B 166 -30.88 -3.93 -12.64
N ARG B 167 -29.85 -4.78 -12.69
CA ARG B 167 -30.09 -6.21 -12.93
C ARG B 167 -30.88 -6.87 -11.81
N MET B 168 -30.51 -6.60 -10.57
CA MET B 168 -31.22 -7.19 -9.44
C MET B 168 -32.68 -6.79 -9.45
N ARG B 169 -32.97 -5.54 -9.80
CA ARG B 169 -34.35 -5.08 -9.86
C ARG B 169 -35.09 -5.85 -10.95
N GLU B 170 -34.45 -5.93 -12.10
CA GLU B 170 -35.02 -6.64 -13.24
C GLU B 170 -35.31 -8.09 -12.91
N ALA B 171 -34.56 -8.66 -11.98
CA ALA B 171 -34.75 -10.04 -11.59
C ALA B 171 -35.72 -10.21 -10.44
N GLY B 172 -36.42 -9.14 -10.06
CA GLY B 172 -37.34 -9.27 -8.95
C GLY B 172 -36.57 -9.32 -7.64
N GLY B 173 -35.44 -8.62 -7.59
CA GLY B 173 -34.64 -8.57 -6.39
C GLY B 173 -34.78 -7.21 -5.72
N TYR B 174 -34.18 -7.04 -4.56
CA TYR B 174 -34.26 -5.77 -3.84
C TYR B 174 -32.91 -5.06 -3.73
N VAL B 175 -32.93 -3.74 -3.76
CA VAL B 175 -31.70 -2.97 -3.68
C VAL B 175 -31.69 -2.05 -2.47
N LEU B 176 -30.61 -2.11 -1.69
CA LEU B 176 -30.53 -1.24 -0.55
C LEU B 176 -29.36 -0.30 -0.77
N PHE B 177 -29.69 0.96 -0.98
CA PHE B 177 -28.66 1.95 -1.21
C PHE B 177 -28.36 2.70 0.07
N ASP B 178 -27.09 2.65 0.47
CA ASP B 178 -26.62 3.32 1.65
C ASP B 178 -25.73 4.47 1.22
N VAL B 179 -26.24 5.69 1.22
CA VAL B 179 -25.42 6.83 0.85
C VAL B 179 -24.41 6.92 1.96
N ASN B 180 -23.18 6.52 1.68
CA ASN B 180 -22.15 6.55 2.70
C ASN B 180 -21.15 7.58 2.22
N LEU B 181 -21.56 8.85 2.26
CA LEU B 181 -20.75 9.96 1.79
C LEU B 181 -19.34 10.14 2.34
N ARG B 182 -18.40 10.34 1.41
CA ARG B 182 -16.98 10.55 1.70
C ARG B 182 -16.49 11.52 0.62
N SER B 183 -17.08 12.70 0.56
CA SER B 183 -16.72 13.71 -0.44
C SER B 183 -15.23 13.74 -0.77
N LYS B 184 -14.42 13.92 0.28
CA LYS B 184 -12.98 13.94 0.17
C LYS B 184 -12.48 13.03 -0.97
N MET B 185 -13.00 11.80 -1.01
CA MET B 185 -12.60 10.83 -2.03
C MET B 185 -13.07 11.18 -3.45
N TRP B 186 -14.05 12.08 -3.55
CA TRP B 186 -14.60 12.50 -4.84
C TRP B 186 -13.81 13.57 -5.60
N GLY B 187 -13.50 13.29 -6.86
CA GLY B 187 -12.78 14.26 -7.66
C GLY B 187 -13.67 15.47 -7.81
N ASN B 188 -14.64 15.39 -8.73
CA ASN B 188 -15.57 16.49 -8.95
C ASN B 188 -16.81 16.27 -8.09
N THR B 189 -16.86 16.92 -6.92
CA THR B 189 -18.01 16.73 -6.05
C THR B 189 -19.34 17.08 -6.72
N ASP B 190 -19.28 17.59 -7.95
CA ASP B 190 -20.51 17.94 -8.65
C ASP B 190 -21.26 16.70 -9.10
N GLU B 191 -20.58 15.56 -9.11
CA GLU B 191 -21.19 14.29 -9.55
C GLU B 191 -22.05 13.66 -8.45
N ILE B 192 -21.71 13.95 -7.21
CA ILE B 192 -22.42 13.38 -6.06
C ILE B 192 -23.95 13.49 -6.11
N PRO B 193 -24.48 14.71 -6.18
CA PRO B 193 -25.94 14.83 -6.22
C PRO B 193 -26.59 13.96 -7.30
N GLU B 194 -26.04 14.01 -8.50
CA GLU B 194 -26.56 13.24 -9.63
C GLU B 194 -26.59 11.72 -9.37
N LEU B 195 -25.45 11.16 -8.95
CA LEU B 195 -25.36 9.73 -8.66
C LEU B 195 -26.31 9.29 -7.55
N ILE B 196 -26.34 10.05 -6.47
CA ILE B 196 -27.23 9.77 -5.35
C ILE B 196 -28.68 9.68 -5.88
N ALA B 197 -29.06 10.64 -6.71
CA ALA B 197 -30.42 10.66 -7.23
C ALA B 197 -30.70 9.47 -8.15
N ARG B 198 -29.76 9.16 -9.03
CA ARG B 198 -29.97 8.04 -9.93
C ARG B 198 -29.96 6.73 -9.15
N SER B 199 -29.37 6.76 -7.95
CA SER B 199 -29.31 5.59 -7.09
C SER B 199 -30.61 5.42 -6.34
N ALA B 200 -31.17 6.52 -5.86
CA ALA B 200 -32.42 6.45 -5.12
C ALA B 200 -33.52 5.92 -6.04
N ALA B 201 -33.36 6.13 -7.34
CA ALA B 201 -34.34 5.67 -8.31
C ALA B 201 -34.34 4.16 -8.41
N LEU B 202 -33.15 3.56 -8.47
CA LEU B 202 -33.03 2.11 -8.58
C LEU B 202 -33.29 1.38 -7.26
N ALA B 203 -32.98 2.03 -6.15
CA ALA B 203 -33.11 1.41 -4.84
C ALA B 203 -34.51 1.15 -4.30
N SER B 204 -34.63 0.10 -3.51
CA SER B 204 -35.87 -0.25 -2.89
C SER B 204 -35.91 0.53 -1.59
N ILE B 205 -34.77 0.53 -0.88
CA ILE B 205 -34.64 1.23 0.41
C ILE B 205 -33.33 2.01 0.47
N CYS B 206 -33.40 3.24 0.98
CA CYS B 206 -32.21 4.06 1.12
C CYS B 206 -31.91 4.32 2.59
N LYS B 207 -30.66 4.07 2.97
CA LYS B 207 -30.22 4.30 4.34
C LYS B 207 -29.36 5.55 4.28
N VAL B 208 -29.60 6.48 5.20
CA VAL B 208 -28.82 7.71 5.24
C VAL B 208 -28.69 8.20 6.68
N SER B 209 -27.59 8.89 6.97
CA SER B 209 -27.37 9.42 8.31
C SER B 209 -27.87 10.85 8.33
N ALA B 210 -28.27 11.31 9.51
CA ALA B 210 -28.76 12.68 9.68
C ALA B 210 -27.76 13.68 9.11
N ASP B 211 -26.48 13.47 9.39
CA ASP B 211 -25.48 14.40 8.89
C ASP B 211 -25.50 14.46 7.36
N GLU B 212 -25.63 13.30 6.72
CA GLU B 212 -25.66 13.25 5.25
C GLU B 212 -26.83 14.04 4.63
N LEU B 213 -27.98 13.99 5.29
CA LEU B 213 -29.15 14.71 4.81
C LEU B 213 -28.82 16.21 4.73
N CYS B 214 -28.06 16.71 5.69
CA CYS B 214 -27.66 18.12 5.71
C CYS B 214 -26.64 18.39 4.62
N GLN B 215 -25.68 17.48 4.46
CA GLN B 215 -24.66 17.67 3.43
C GLN B 215 -25.33 17.77 2.04
N LEU B 216 -26.19 16.80 1.72
CA LEU B 216 -26.87 16.76 0.42
C LEU B 216 -27.88 17.87 0.18
N SER B 217 -28.74 18.11 1.17
CA SER B 217 -29.78 19.14 1.08
C SER B 217 -29.28 20.54 1.35
N GLY B 218 -28.48 20.68 2.41
CA GLY B 218 -27.95 21.98 2.76
C GLY B 218 -28.63 22.50 4.02
N ALA B 219 -29.78 21.93 4.34
CA ALA B 219 -30.49 22.34 5.54
C ALA B 219 -29.55 22.21 6.72
N SER B 220 -29.90 22.83 7.83
CA SER B 220 -29.07 22.76 9.03
C SER B 220 -29.73 21.69 9.88
N HIS B 221 -31.05 21.63 9.81
CA HIS B 221 -31.81 20.65 10.55
C HIS B 221 -32.14 19.49 9.63
N TRP B 222 -31.68 18.29 10.00
CA TRP B 222 -31.92 17.08 9.20
C TRP B 222 -33.40 16.82 8.95
N GLN B 223 -34.23 17.02 9.97
CA GLN B 223 -35.67 16.78 9.79
C GLN B 223 -36.29 17.68 8.73
N ASP B 224 -35.53 18.66 8.26
CA ASP B 224 -36.03 19.55 7.22
C ASP B 224 -35.76 18.91 5.89
N ALA B 225 -35.00 17.82 5.90
CA ALA B 225 -34.66 17.11 4.68
C ALA B 225 -35.08 15.64 4.70
N ARG B 226 -35.93 15.26 5.65
CA ARG B 226 -36.35 13.88 5.78
C ARG B 226 -37.07 13.30 4.56
N TYR B 227 -37.33 14.16 3.56
CA TYR B 227 -37.99 13.72 2.34
C TYR B 227 -37.08 13.94 1.12
N TYR B 228 -35.80 14.19 1.38
CA TYR B 228 -34.88 14.44 0.29
C TYR B 228 -34.91 13.34 -0.79
N LEU B 229 -34.68 12.09 -0.37
CA LEU B 229 -34.67 10.95 -1.28
C LEU B 229 -36.09 10.58 -1.70
N ARG B 230 -37.05 10.68 -0.80
CA ARG B 230 -38.42 10.35 -1.16
C ARG B 230 -38.80 11.08 -2.44
N ASP B 231 -38.33 12.32 -2.57
CA ASP B 231 -38.63 13.10 -3.76
C ASP B 231 -37.77 12.60 -4.91
N LEU B 232 -36.60 12.07 -4.58
CA LEU B 232 -35.69 11.54 -5.59
C LEU B 232 -36.09 10.15 -6.02
N GLY B 233 -37.27 9.69 -5.59
CA GLY B 233 -37.75 8.38 -6.00
C GLY B 233 -37.70 7.18 -5.06
N CYS B 234 -37.48 7.36 -3.76
CA CYS B 234 -37.46 6.19 -2.91
C CYS B 234 -38.55 6.25 -1.85
N ASP B 235 -39.56 5.40 -2.01
CA ASP B 235 -40.70 5.35 -1.10
C ASP B 235 -40.41 4.82 0.30
N THR B 236 -39.19 4.36 0.55
CA THR B 236 -38.83 3.87 1.87
C THR B 236 -37.42 4.33 2.21
N THR B 237 -37.34 5.20 3.21
CA THR B 237 -36.08 5.75 3.65
C THR B 237 -35.83 5.40 5.11
N ILE B 238 -34.58 5.09 5.43
CA ILE B 238 -34.22 4.78 6.79
C ILE B 238 -33.11 5.79 7.16
N ILE B 239 -33.42 6.66 8.12
CA ILE B 239 -32.50 7.69 8.57
C ILE B 239 -31.87 7.34 9.91
N SER B 240 -30.57 7.04 9.91
CA SER B 240 -29.90 6.72 11.15
C SER B 240 -29.72 8.03 11.93
N LEU B 241 -30.07 8.00 13.22
CA LEU B 241 -29.98 9.18 14.07
C LEU B 241 -28.99 9.03 15.20
N GLY B 242 -27.90 8.32 14.98
CA GLY B 242 -26.92 8.15 16.03
C GLY B 242 -27.51 7.45 17.26
N ALA B 243 -27.36 8.06 18.43
CA ALA B 243 -27.88 7.47 19.67
C ALA B 243 -29.40 7.53 19.75
N ASP B 244 -29.99 8.45 18.99
CA ASP B 244 -31.45 8.57 18.98
C ASP B 244 -32.10 7.48 18.14
N GLY B 245 -31.32 6.49 17.70
CA GLY B 245 -31.86 5.38 16.92
C GLY B 245 -32.09 5.59 15.43
N ALA B 246 -33.31 5.32 14.97
CA ALA B 246 -33.64 5.46 13.56
C ALA B 246 -35.02 6.06 13.27
N LEU B 247 -35.20 6.55 12.05
CA LEU B 247 -36.48 7.11 11.61
C LEU B 247 -36.86 6.50 10.26
N LEU B 248 -38.02 5.88 10.21
CA LEU B 248 -38.45 5.27 8.98
C LEU B 248 -39.39 6.21 8.28
N ILE B 249 -39.10 6.49 7.01
CA ILE B 249 -39.95 7.37 6.24
C ILE B 249 -40.58 6.58 5.12
N THR B 250 -41.84 6.22 5.26
CA THR B 250 -42.53 5.50 4.21
C THR B 250 -43.72 6.35 3.78
N ALA B 251 -44.38 5.94 2.72
CA ALA B 251 -45.52 6.66 2.19
C ALA B 251 -46.59 7.02 3.22
N GLU B 252 -46.90 6.10 4.12
CA GLU B 252 -47.92 6.32 5.15
C GLU B 252 -47.52 7.25 6.29
N GLY B 253 -46.22 7.35 6.55
CA GLY B 253 -45.76 8.21 7.61
C GLY B 253 -44.33 7.89 8.02
N GLU B 254 -43.94 8.40 9.18
CA GLU B 254 -42.61 8.16 9.71
C GLU B 254 -42.71 7.61 11.12
N PHE B 255 -41.93 6.57 11.40
CA PHE B 255 -41.94 5.94 12.70
C PHE B 255 -40.58 5.91 13.32
N HIS B 256 -40.49 6.39 14.56
CA HIS B 256 -39.23 6.45 15.26
C HIS B 256 -38.92 5.15 15.98
N PHE B 257 -37.66 4.75 15.90
CA PHE B 257 -37.18 3.53 16.54
C PHE B 257 -35.96 3.91 17.38
N PRO B 258 -36.13 4.16 18.69
CA PRO B 258 -35.01 4.53 19.54
C PRO B 258 -33.98 3.40 19.62
N ALA B 259 -32.79 3.72 20.10
CA ALA B 259 -31.74 2.72 20.18
C ALA B 259 -31.44 2.34 21.63
N PRO B 260 -30.87 1.14 21.84
CA PRO B 260 -30.56 0.71 23.20
C PRO B 260 -29.59 1.73 23.79
N ARG B 261 -29.70 1.99 25.09
CA ARG B 261 -28.80 2.95 25.73
C ARG B 261 -27.55 2.20 26.17
N VAL B 262 -26.39 2.71 25.77
CA VAL B 262 -25.13 2.07 26.11
C VAL B 262 -23.97 3.02 26.38
N ASP B 263 -22.84 2.44 26.80
CA ASP B 263 -21.62 3.17 27.09
C ASP B 263 -20.82 3.36 25.81
N VAL B 264 -21.00 4.51 25.18
CA VAL B 264 -20.30 4.83 23.93
C VAL B 264 -18.79 4.64 24.14
N VAL B 265 -18.19 3.72 23.39
CA VAL B 265 -16.76 3.47 23.53
C VAL B 265 -16.01 3.75 22.23
N ASP B 266 -16.74 3.77 21.13
CA ASP B 266 -16.16 4.01 19.80
C ASP B 266 -17.25 3.78 18.75
N THR B 267 -17.65 4.84 18.06
CA THR B 267 -18.72 4.78 17.06
C THR B 267 -18.37 4.22 15.67
N THR B 268 -17.12 3.83 15.47
CA THR B 268 -16.65 3.30 14.19
C THR B 268 -17.41 2.04 13.72
N GLY B 269 -17.64 1.90 12.40
CA GLY B 269 -18.33 0.74 11.85
C GLY B 269 -19.82 0.64 12.18
N ALA B 270 -20.27 1.51 13.09
CA ALA B 270 -21.67 1.53 13.51
C ALA B 270 -22.66 1.50 12.34
N GLY B 271 -22.54 2.45 11.42
CA GLY B 271 -23.42 2.49 10.28
C GLY B 271 -23.41 1.22 9.47
N ASP B 272 -22.23 0.67 9.18
CA ASP B 272 -22.16 -0.55 8.40
C ASP B 272 -22.80 -1.71 9.16
N ALA B 273 -22.57 -1.74 10.47
CA ALA B 273 -23.13 -2.80 11.31
C ALA B 273 -24.64 -2.70 11.30
N PHE B 274 -25.14 -1.47 11.28
CA PHE B 274 -26.56 -1.16 11.24
C PHE B 274 -27.22 -1.74 9.97
N VAL B 275 -26.57 -1.53 8.82
CA VAL B 275 -27.06 -2.01 7.55
C VAL B 275 -26.99 -3.52 7.44
N GLY B 276 -25.94 -4.10 8.03
CA GLY B 276 -25.77 -5.54 8.01
C GLY B 276 -26.96 -6.18 8.72
N GLY B 277 -27.29 -5.65 9.89
CA GLY B 277 -28.40 -6.18 10.64
C GLY B 277 -29.69 -6.03 9.86
N LEU B 278 -29.85 -4.88 9.22
CA LEU B 278 -31.05 -4.63 8.44
C LEU B 278 -31.19 -5.63 7.30
N LEU B 279 -30.09 -5.85 6.57
CA LEU B 279 -30.07 -6.79 5.46
C LEU B 279 -30.29 -8.25 5.89
N PHE B 280 -29.75 -8.61 7.04
CA PHE B 280 -29.92 -9.97 7.55
C PHE B 280 -31.40 -10.27 7.78
N THR B 281 -32.12 -9.35 8.40
CA THR B 281 -33.52 -9.50 8.70
C THR B 281 -34.40 -9.48 7.45
N LEU B 282 -34.19 -8.50 6.60
CA LEU B 282 -34.99 -8.41 5.38
C LEU B 282 -34.88 -9.65 4.50
N SER B 283 -33.73 -10.31 4.52
CA SER B 283 -33.48 -11.48 3.68
C SER B 283 -34.17 -12.73 4.18
N ARG B 284 -34.78 -12.62 5.34
CA ARG B 284 -35.49 -13.73 5.98
C ARG B 284 -36.86 -14.03 5.36
N ALA B 285 -37.24 -13.33 4.29
CA ALA B 285 -38.56 -13.55 3.64
C ALA B 285 -38.60 -12.96 2.23
N ASN B 286 -39.43 -13.53 1.37
CA ASN B 286 -39.53 -13.06 -0.03
C ASN B 286 -40.02 -11.62 -0.19
N CYS B 287 -41.04 -11.27 0.57
CA CYS B 287 -41.56 -9.91 0.53
C CYS B 287 -41.35 -9.35 1.92
N TRP B 288 -41.09 -8.06 2.01
CA TRP B 288 -40.92 -7.46 3.32
C TRP B 288 -42.14 -6.61 3.56
N ASP B 289 -42.77 -6.78 4.70
CA ASP B 289 -43.96 -5.99 5.04
C ASP B 289 -43.75 -5.17 6.32
N HIS B 290 -44.83 -4.54 6.78
CA HIS B 290 -44.81 -3.70 7.97
C HIS B 290 -43.94 -4.24 9.08
N ALA B 291 -44.38 -5.36 9.61
CA ALA B 291 -43.72 -6.04 10.70
C ALA B 291 -42.26 -6.36 10.47
N LEU B 292 -41.94 -6.88 9.28
CA LEU B 292 -40.56 -7.26 9.00
C LEU B 292 -39.63 -6.04 9.01
N LEU B 293 -40.08 -4.97 8.38
CA LEU B 293 -39.35 -3.72 8.29
C LEU B 293 -39.11 -3.12 9.67
N ALA B 294 -40.11 -3.22 10.53
CA ALA B 294 -39.99 -2.68 11.87
C ALA B 294 -39.04 -3.54 12.67
N GLU B 295 -39.04 -4.84 12.37
CA GLU B 295 -38.17 -5.77 13.07
C GLU B 295 -36.72 -5.58 12.62
N ALA B 296 -36.55 -5.32 11.33
CA ALA B 296 -35.23 -5.11 10.77
C ALA B 296 -34.51 -3.91 11.40
N ILE B 297 -35.24 -2.80 11.56
CA ILE B 297 -34.66 -1.60 12.15
C ILE B 297 -34.28 -1.83 13.62
N SER B 298 -35.04 -2.68 14.30
CA SER B 298 -34.75 -3.00 15.68
C SER B 298 -33.41 -3.72 15.72
N ASN B 299 -33.29 -4.71 14.84
CA ASN B 299 -32.08 -5.50 14.74
C ASN B 299 -30.92 -4.61 14.29
N ALA B 300 -31.23 -3.70 13.39
CA ALA B 300 -30.23 -2.76 12.87
C ALA B 300 -29.63 -1.93 14.01
N ASN B 301 -30.48 -1.48 14.94
CA ASN B 301 -29.99 -0.68 16.05
C ASN B 301 -29.19 -1.52 17.03
N ALA B 302 -29.63 -2.75 17.26
CA ALA B 302 -28.91 -3.65 18.15
C ALA B 302 -27.47 -3.79 17.65
N CYS B 303 -27.33 -4.15 16.38
CA CYS B 303 -26.00 -4.32 15.79
C CYS B 303 -25.23 -3.02 15.84
N GLY B 304 -25.91 -1.93 15.50
CA GLY B 304 -25.27 -0.64 15.50
C GLY B 304 -24.65 -0.32 16.84
N ALA B 305 -25.34 -0.70 17.90
CA ALA B 305 -24.85 -0.46 19.25
C ALA B 305 -23.62 -1.30 19.60
N MET B 306 -23.79 -2.62 19.61
CA MET B 306 -22.67 -3.50 19.94
C MET B 306 -21.45 -3.07 19.14
N ALA B 307 -21.71 -2.46 18.00
CA ALA B 307 -20.64 -1.99 17.15
C ALA B 307 -20.24 -0.61 17.61
N VAL B 308 -20.40 -0.35 18.91
CA VAL B 308 -20.05 0.95 19.47
C VAL B 308 -19.58 0.83 20.91
N THR B 309 -19.96 -0.26 21.57
CA THR B 309 -19.54 -0.46 22.93
C THR B 309 -18.12 -1.03 22.92
N ALA B 310 -17.79 -1.71 21.82
CA ALA B 310 -16.45 -2.29 21.65
C ALA B 310 -15.58 -1.30 20.89
N LYS B 311 -14.43 -1.78 20.42
CA LYS B 311 -13.50 -0.95 19.66
C LYS B 311 -13.24 -1.63 18.31
N GLY B 312 -12.98 -0.84 17.28
CA GLY B 312 -12.75 -1.40 15.97
C GLY B 312 -14.02 -1.38 15.14
N ALA B 313 -13.96 -1.95 13.94
CA ALA B 313 -15.12 -1.96 13.06
C ALA B 313 -15.66 -3.37 12.88
N MET B 314 -14.89 -4.20 12.18
CA MET B 314 -15.29 -5.57 11.94
C MET B 314 -15.26 -6.36 13.26
N THR B 315 -14.38 -5.95 14.15
CA THR B 315 -14.22 -6.60 15.45
C THR B 315 -15.17 -6.07 16.53
N ALA B 316 -16.29 -5.53 16.11
CA ALA B 316 -17.29 -5.02 17.04
C ALA B 316 -18.59 -5.71 16.66
N LEU B 317 -18.60 -6.27 15.45
CA LEU B 317 -19.76 -6.96 14.94
C LEU B 317 -20.03 -8.12 15.87
N PRO B 318 -21.29 -8.29 16.30
CA PRO B 318 -21.68 -9.37 17.20
C PRO B 318 -22.01 -10.68 16.51
N PHE B 319 -22.20 -11.72 17.33
CA PHE B 319 -22.59 -13.03 16.84
C PHE B 319 -23.96 -13.20 17.47
N PRO B 320 -24.85 -13.99 16.86
CA PRO B 320 -26.19 -14.17 17.43
C PRO B 320 -26.28 -14.30 18.96
N ASP B 321 -25.25 -14.87 19.56
CA ASP B 321 -25.23 -15.04 21.02
C ASP B 321 -24.99 -13.72 21.74
N GLN B 322 -23.97 -12.98 21.33
CA GLN B 322 -23.66 -11.72 21.96
C GLN B 322 -24.83 -10.75 21.84
N LEU B 323 -25.50 -10.75 20.69
CA LEU B 323 -26.62 -9.85 20.43
C LEU B 323 -27.71 -10.01 21.46
N ASN B 324 -28.03 -11.26 21.82
CA ASN B 324 -29.07 -11.51 22.81
C ASN B 324 -28.67 -11.12 24.21
N THR B 325 -27.48 -11.55 24.62
CA THR B 325 -26.95 -11.23 25.94
C THR B 325 -27.03 -9.71 26.14
N PHE B 326 -26.73 -8.98 25.06
CA PHE B 326 -26.74 -7.52 25.06
C PHE B 326 -28.17 -6.99 25.00
N LEU B 327 -28.97 -7.60 24.14
CA LEU B 327 -30.37 -7.22 23.93
C LEU B 327 -31.14 -7.27 25.23
N SER B 328 -31.07 -8.41 25.89
CA SER B 328 -31.78 -8.63 27.15
C SER B 328 -30.93 -8.18 28.35
N SER B 329 -30.97 -6.89 28.68
CA SER B 329 -30.21 -6.37 29.81
C SER B 329 -31.08 -5.52 30.74
#